data_4NR1
#
_entry.id   4NR1
#
_cell.length_a   86.370
_cell.length_b   86.370
_cell.length_c   148.720
_cell.angle_alpha   90.000
_cell.angle_beta   90.000
_cell.angle_gamma   90.000
#
_symmetry.space_group_name_H-M   'P 41 21 2'
#
loop_
_entity.id
_entity.type
_entity.pdbx_description
1 polymer 'Hypoxia-inducible factor 1-alpha inhibitor'
2 polymer 'CONSENSUS ANKYRIN REPEAT DOMAIN-(D)allyl glycine'
3 non-polymer 'ZINC ION'
4 non-polymer N-OXALYLGLYCINE
5 non-polymer 'SULFATE ION'
6 water water
#
loop_
_entity_poly.entity_id
_entity_poly.type
_entity_poly.pdbx_seq_one_letter_code
_entity_poly.pdbx_strand_id
1 'polypeptide(L)'
;GSHMAATAAEAVASGSGEPREEAGALGPAWDESQLRSYSFPTRPIPRLSQSDPRAEELIENEEPVVLTDTNLVYPALKWD
LEYLQENIGNGDFSVYSASTHKFLYYDEKKMANFQNFKPRSNREEMKFHEFVEKLQDIQQRGGEERLYLQQTLNDTVGRK
IVMDFLGFNWNWINKQQGKRGWGQLTSNLLLIGMEGNVTPAHYDEQQNFFAQIKGYKRCILFPPDQFECLYPYPVHHPCD
RQSQVDFDNPDYERFPNFQNVVGYETVVGPGDVLYIPMYWWHHIESLLNGGITITVNFWYKGAPTPKRIEYPLKAHQKVA
IMRNIEKMLGEALGNPQEVGPLLNTMIKGRYN
;
A
2 'polypeptide(L)' HLEVVKLLLEHGADV(DYL)AQDK S
#
loop_
_chem_comp.id
_chem_comp.type
_chem_comp.name
_chem_comp.formula
OGA non-polymer N-OXALYLGLYCINE 'C4 H5 N O5'
SO4 non-polymer 'SULFATE ION' 'O4 S -2'
ZN non-polymer 'ZINC ION' 'Zn 2'
#
# COMPACT_ATOMS: atom_id res chain seq x y z
N GLU A 18 19.33 -11.50 -2.16
CA GLU A 18 19.99 -12.14 -3.29
C GLU A 18 18.92 -12.60 -4.31
N PRO A 19 19.02 -12.16 -5.58
CA PRO A 19 17.96 -12.41 -6.58
C PRO A 19 17.62 -13.88 -6.86
N ARG A 20 16.34 -14.15 -7.05
CA ARG A 20 15.86 -15.51 -7.28
C ARG A 20 16.05 -15.96 -8.73
N GLU A 21 16.57 -17.18 -8.90
CA GLU A 21 16.84 -17.73 -10.23
C GLU A 21 15.60 -18.41 -10.82
N GLU A 22 15.08 -17.85 -11.90
CA GLU A 22 13.87 -18.37 -12.53
C GLU A 22 14.09 -19.78 -13.10
N ALA A 23 13.08 -20.64 -12.94
CA ALA A 23 13.14 -22.03 -13.39
C ALA A 23 13.41 -22.15 -14.89
N GLY A 24 14.08 -23.23 -15.29
CA GLY A 24 14.51 -23.42 -16.67
C GLY A 24 15.85 -22.77 -16.96
N ALA A 25 16.61 -22.48 -15.90
CA ALA A 25 17.95 -21.85 -15.98
C ALA A 25 17.92 -20.47 -16.64
N LEU A 26 16.79 -19.76 -16.51
CA LEU A 26 16.56 -18.51 -17.24
C LEU A 26 17.29 -17.32 -16.60
N GLY A 27 18.40 -17.57 -15.92
CA GLY A 27 19.19 -16.50 -15.32
C GLY A 27 18.50 -15.83 -14.16
N PRO A 28 19.04 -14.69 -13.71
CA PRO A 28 18.41 -13.95 -12.61
C PRO A 28 17.23 -13.12 -13.10
N ALA A 29 16.11 -13.20 -12.38
CA ALA A 29 14.93 -12.41 -12.72
C ALA A 29 15.23 -10.90 -12.73
N TRP A 30 16.11 -10.46 -11.83
CA TRP A 30 16.46 -9.04 -11.72
C TRP A 30 17.83 -8.91 -11.05
N ASP A 31 18.35 -7.69 -10.91
CA ASP A 31 19.55 -7.52 -10.09
C ASP A 31 19.54 -6.18 -9.33
N GLU A 32 20.42 -6.10 -8.33
CA GLU A 32 20.42 -5.00 -7.36
C GLU A 32 20.38 -3.63 -8.03
N SER A 33 21.04 -3.50 -9.17
CA SER A 33 21.10 -2.24 -9.91
C SER A 33 19.72 -1.71 -10.30
N GLN A 34 18.70 -2.56 -10.27
CA GLN A 34 17.34 -2.09 -10.55
C GLN A 34 16.64 -1.53 -9.32
N LEU A 35 17.31 -1.64 -8.17
CA LEU A 35 16.78 -1.12 -6.90
C LEU A 35 17.27 0.30 -6.71
N ARG A 36 16.37 1.16 -6.24
CA ARG A 36 16.76 2.50 -5.83
C ARG A 36 17.49 2.41 -4.51
N SER A 37 18.31 3.40 -4.20
CA SER A 37 19.15 3.35 -2.99
C SER A 37 18.69 4.35 -1.93
N TYR A 38 18.70 3.92 -0.67
CA TYR A 38 18.15 4.72 0.42
C TYR A 38 19.10 4.77 1.61
N SER A 39 18.75 5.58 2.59
CA SER A 39 19.67 5.84 3.70
C SER A 39 19.56 4.83 4.81
N PHE A 40 18.56 3.96 4.77
CA PHE A 40 18.31 3.09 5.93
C PHE A 40 18.66 1.65 5.62
N PRO A 41 19.03 0.89 6.65
CA PRO A 41 19.23 -0.54 6.47
C PRO A 41 17.90 -1.27 6.47
N THR A 42 17.91 -2.52 6.02
CA THR A 42 16.73 -3.38 6.03
C THR A 42 17.11 -4.82 6.25
N ARG A 43 16.11 -5.65 6.58
CA ARG A 43 16.31 -7.08 6.61
C ARG A 43 15.24 -7.82 5.83
N PRO A 44 15.56 -9.04 5.36
CA PRO A 44 14.62 -9.69 4.44
C PRO A 44 13.34 -10.16 5.09
N ILE A 45 12.22 -9.96 4.39
CA ILE A 45 10.96 -10.59 4.74
C ILE A 45 11.09 -12.06 4.35
N PRO A 46 10.64 -12.97 5.23
CA PRO A 46 10.73 -14.40 4.91
C PRO A 46 9.89 -14.77 3.67
N ARG A 47 10.43 -15.55 2.73
CA ARG A 47 9.63 -16.16 1.65
C ARG A 47 9.40 -17.60 2.05
N LEU A 48 8.14 -18.01 2.15
CA LEU A 48 7.81 -19.35 2.61
C LEU A 48 6.67 -19.97 1.82
N SER A 49 6.51 -21.28 1.99
CA SER A 49 5.37 -22.02 1.51
C SER A 49 4.15 -21.75 2.34
N GLN A 50 3.01 -21.68 1.66
CA GLN A 50 1.72 -21.47 2.29
C GLN A 50 1.44 -22.57 3.31
N SER A 51 2.09 -23.72 3.14
CA SER A 51 1.88 -24.88 4.00
C SER A 51 2.83 -24.94 5.19
N ASP A 52 3.80 -24.02 5.22
CA ASP A 52 4.80 -23.93 6.29
C ASP A 52 4.18 -23.34 7.56
N PRO A 53 4.22 -24.06 8.69
CA PRO A 53 3.59 -23.49 9.89
C PRO A 53 4.14 -22.09 10.27
N ARG A 54 5.42 -21.83 9.99
CA ARG A 54 6.00 -20.53 10.30
C ARG A 54 5.23 -19.41 9.60
N ALA A 55 4.79 -19.68 8.36
CA ALA A 55 4.05 -18.66 7.62
C ALA A 55 2.72 -18.40 8.32
N GLU A 56 2.17 -19.41 9.01
CA GLU A 56 0.92 -19.21 9.73
C GLU A 56 1.14 -18.39 11.01
N GLU A 57 2.24 -18.68 11.71
CA GLU A 57 2.58 -17.96 12.95
C GLU A 57 2.75 -16.49 12.62
N LEU A 58 3.42 -16.20 11.51
CA LEU A 58 3.62 -14.83 11.11
C LEU A 58 2.30 -14.12 10.82
N ILE A 59 1.44 -14.70 9.99
CA ILE A 59 0.19 -14.01 9.70
C ILE A 59 -0.63 -13.85 10.98
N GLU A 60 -0.65 -14.88 11.82
CA GLU A 60 -1.40 -14.82 13.08
C GLU A 60 -0.88 -13.67 13.95
N ASN A 61 0.43 -13.46 13.91
CA ASN A 61 1.08 -12.41 14.68
C ASN A 61 1.13 -11.10 13.95
N GLU A 62 0.42 -10.98 12.85
CA GLU A 62 0.47 -9.76 12.07
C GLU A 62 1.91 -9.24 11.79
N GLU A 63 2.75 -10.12 11.25
CA GLU A 63 4.04 -9.77 10.73
C GLU A 63 4.09 -10.12 9.22
N PRO A 64 4.78 -9.31 8.42
CA PRO A 64 4.77 -9.61 6.98
C PRO A 64 5.35 -11.00 6.60
N VAL A 65 4.87 -11.55 5.50
CA VAL A 65 5.44 -12.77 4.95
C VAL A 65 5.12 -12.82 3.47
N VAL A 66 6.03 -13.38 2.71
CA VAL A 66 5.81 -13.57 1.30
C VAL A 66 5.52 -15.05 1.12
N LEU A 67 4.34 -15.33 0.59
CA LEU A 67 3.91 -16.70 0.30
C LEU A 67 4.20 -16.99 -1.17
N THR A 68 4.90 -18.08 -1.44
CA THR A 68 5.39 -18.31 -2.79
C THR A 68 4.47 -19.15 -3.68
N ASP A 69 3.57 -19.92 -3.06
CA ASP A 69 2.83 -20.99 -3.74
C ASP A 69 1.33 -21.06 -3.37
N THR A 70 0.65 -19.92 -3.24
CA THR A 70 -0.76 -19.95 -2.88
C THR A 70 -1.65 -20.18 -4.10
N ASN A 71 -1.17 -19.86 -5.29
CA ASN A 71 -2.04 -19.88 -6.47
C ASN A 71 -3.21 -18.94 -6.32
N LEU A 72 -3.06 -17.94 -5.48
CA LEU A 72 -4.13 -17.03 -5.18
C LEU A 72 -4.69 -16.43 -6.45
N VAL A 73 -3.84 -15.99 -7.37
CA VAL A 73 -4.34 -15.43 -8.63
C VAL A 73 -3.75 -16.13 -9.86
N TYR A 74 -3.61 -17.44 -9.73
CA TYR A 74 -3.08 -18.29 -10.81
C TYR A 74 -3.68 -17.97 -12.20
N PRO A 75 -5.01 -17.83 -12.34
CA PRO A 75 -5.59 -17.42 -13.64
C PRO A 75 -5.13 -16.08 -14.19
N ALA A 76 -4.59 -15.21 -13.33
CA ALA A 76 -4.21 -13.85 -13.75
C ALA A 76 -2.78 -13.83 -14.26
N LEU A 77 -2.07 -14.93 -14.06
CA LEU A 77 -0.67 -14.93 -14.40
C LEU A 77 -0.47 -14.74 -15.89
N LYS A 78 -1.51 -15.00 -16.70
CA LYS A 78 -1.45 -14.76 -18.15
C LYS A 78 -1.85 -13.32 -18.53
N TRP A 79 -2.18 -12.48 -17.56
CA TRP A 79 -2.58 -11.12 -17.90
C TRP A 79 -1.42 -10.27 -18.44
N ASP A 80 -1.67 -9.61 -19.56
CA ASP A 80 -0.85 -8.50 -20.03
C ASP A 80 -1.78 -7.43 -20.60
N LEU A 81 -1.24 -6.34 -21.11
CA LEU A 81 -2.09 -5.26 -21.60
C LEU A 81 -2.91 -5.71 -22.82
N GLU A 82 -2.32 -6.52 -23.70
CA GLU A 82 -3.09 -6.99 -24.87
C GLU A 82 -4.34 -7.77 -24.40
N TYR A 83 -4.14 -8.73 -23.51
CA TYR A 83 -5.24 -9.55 -23.01
C TYR A 83 -6.30 -8.73 -22.26
N LEU A 84 -5.87 -7.82 -21.39
CA LEU A 84 -6.82 -7.06 -20.59
C LEU A 84 -7.61 -6.12 -21.46
N GLN A 85 -6.93 -5.49 -22.41
CA GLN A 85 -7.55 -4.48 -23.24
C GLN A 85 -8.68 -5.14 -24.00
N GLU A 86 -8.44 -6.38 -24.42
CA GLU A 86 -9.42 -7.20 -25.13
C GLU A 86 -10.56 -7.71 -24.24
N ASN A 87 -10.39 -7.70 -22.92
CA ASN A 87 -11.34 -8.37 -22.05
C ASN A 87 -11.85 -7.63 -20.83
N ILE A 88 -11.29 -6.49 -20.47
CA ILE A 88 -11.65 -5.91 -19.17
C ILE A 88 -12.90 -5.00 -19.24
N GLY A 89 -13.55 -4.95 -20.40
CA GLY A 89 -14.79 -4.20 -20.54
C GLY A 89 -14.58 -2.74 -20.90
N ASN A 90 -15.68 -1.99 -20.97
CA ASN A 90 -15.63 -0.58 -21.36
C ASN A 90 -15.94 0.36 -20.20
N GLY A 91 -15.67 -0.08 -18.97
CA GLY A 91 -15.88 0.75 -17.79
C GLY A 91 -14.81 1.81 -17.63
N ASP A 92 -14.98 2.69 -16.65
CA ASP A 92 -13.99 3.74 -16.39
C ASP A 92 -12.87 3.27 -15.47
N PHE A 93 -11.63 3.57 -15.86
CA PHE A 93 -10.43 3.28 -15.07
C PHE A 93 -9.73 4.54 -14.53
N SER A 94 -9.54 4.59 -13.21
CA SER A 94 -8.77 5.66 -12.59
C SER A 94 -7.29 5.54 -12.92
N VAL A 95 -6.72 6.58 -13.53
CA VAL A 95 -5.31 6.61 -13.89
C VAL A 95 -4.66 7.87 -13.36
N TYR A 96 -3.57 7.68 -12.61
CA TYR A 96 -2.83 8.80 -12.02
C TYR A 96 -1.62 9.15 -12.86
N SER A 97 -1.41 10.47 -12.97
CA SER A 97 -0.27 11.02 -13.68
C SER A 97 0.71 11.61 -12.68
N ALA A 98 1.99 11.63 -13.02
CA ALA A 98 2.98 12.33 -12.21
C ALA A 98 4.23 12.70 -13.03
N SER A 99 4.80 13.86 -12.72
CA SER A 99 5.97 14.35 -13.43
C SER A 99 7.25 13.77 -12.85
N THR A 100 7.10 12.85 -11.91
CA THR A 100 8.22 12.25 -11.20
C THR A 100 7.94 10.79 -10.92
N HIS A 101 8.92 10.06 -10.39
CA HIS A 101 8.71 8.66 -10.10
C HIS A 101 7.85 8.48 -8.85
N LYS A 102 7.83 9.50 -7.98
CA LYS A 102 7.03 9.45 -6.76
C LYS A 102 5.61 9.90 -6.99
N PHE A 103 4.68 8.95 -6.91
CA PHE A 103 3.25 9.25 -7.02
C PHE A 103 2.66 9.54 -5.66
N LEU A 104 2.93 10.72 -5.09
CA LEU A 104 2.23 11.08 -3.87
C LEU A 104 0.74 11.27 -4.18
N TYR A 105 -0.10 10.51 -3.50
CA TYR A 105 -1.55 10.57 -3.70
C TYR A 105 -2.19 11.46 -2.64
N TYR A 106 -3.39 11.96 -2.90
CA TYR A 106 -4.10 12.75 -1.90
C TYR A 106 -5.63 12.56 -1.97
N ASP A 107 -6.22 12.56 -0.78
CA ASP A 107 -7.65 12.51 -0.58
C ASP A 107 -8.26 13.82 -1.01
N GLU A 108 -9.14 13.74 -1.99
CA GLU A 108 -9.70 14.93 -2.60
C GLU A 108 -10.64 15.62 -1.62
N LYS A 109 -11.48 14.84 -0.94
CA LYS A 109 -12.46 15.38 0.02
C LYS A 109 -11.82 16.33 1.02
N LYS A 110 -10.58 16.03 1.42
CA LYS A 110 -9.89 16.77 2.46
C LYS A 110 -9.15 18.02 1.96
N MET A 111 -9.19 18.29 0.66
CA MET A 111 -8.39 19.37 0.12
C MET A 111 -8.91 20.75 0.49
N ALA A 112 -10.11 20.78 1.06
CA ALA A 112 -10.72 22.03 1.51
C ALA A 112 -9.93 22.76 2.60
N ASN A 113 -9.36 22.02 3.55
CA ASN A 113 -8.79 22.64 4.75
C ASN A 113 -7.24 22.74 4.75
N PHE A 114 -6.62 22.59 3.59
CA PHE A 114 -5.20 22.91 3.43
C PHE A 114 -4.94 23.57 2.07
N GLN A 115 -5.44 24.79 1.86
CA GLN A 115 -5.40 25.40 0.53
C GLN A 115 -3.96 25.73 0.07
N ASN A 116 -3.00 25.71 0.99
CA ASN A 116 -1.58 25.88 0.63
C ASN A 116 -0.97 24.56 0.15
N PHE A 117 -1.79 23.73 -0.48
CA PHE A 117 -1.41 22.39 -0.91
C PHE A 117 -1.61 22.26 -2.43
N LYS A 118 -0.49 22.20 -3.14
CA LYS A 118 -0.49 22.02 -4.58
C LYS A 118 -0.13 20.56 -4.88
N PRO A 119 -1.08 19.78 -5.42
CA PRO A 119 -0.84 18.38 -5.78
C PRO A 119 0.37 18.08 -6.67
N ARG A 120 0.84 16.83 -6.55
CA ARG A 120 1.97 16.33 -7.34
C ARG A 120 1.52 15.29 -8.36
N SER A 121 0.25 14.88 -8.28
CA SER A 121 -0.28 13.88 -9.21
C SER A 121 -1.79 14.04 -9.46
N ASN A 122 -2.18 14.12 -10.73
CA ASN A 122 -3.59 14.25 -11.07
C ASN A 122 -4.21 12.88 -11.39
N ARG A 123 -5.49 12.76 -11.07
CA ARG A 123 -6.27 11.57 -11.42
C ARG A 123 -7.04 11.85 -12.69
N GLU A 124 -7.14 10.85 -13.55
CA GLU A 124 -7.88 10.98 -14.81
C GLU A 124 -8.66 9.70 -15.12
N GLU A 125 -9.96 9.86 -15.40
CA GLU A 125 -10.79 8.73 -15.79
C GLU A 125 -10.66 8.47 -17.27
N MET A 126 -10.45 7.21 -17.63
CA MET A 126 -10.40 6.82 -19.04
C MET A 126 -10.75 5.34 -19.27
N LYS A 127 -10.99 5.02 -20.53
CA LYS A 127 -11.18 3.65 -20.97
C LYS A 127 -9.83 2.96 -20.97
N PHE A 128 -9.83 1.64 -20.78
CA PHE A 128 -8.59 0.89 -20.70
C PHE A 128 -7.73 1.11 -21.95
N HIS A 129 -8.36 0.98 -23.13
CA HIS A 129 -7.66 1.11 -24.40
C HIS A 129 -7.00 2.49 -24.52
N GLU A 130 -7.58 3.49 -23.87
CA GLU A 130 -6.99 4.83 -23.86
C GLU A 130 -5.73 4.89 -22.99
N PHE A 131 -5.75 4.16 -21.87
CA PHE A 131 -4.58 4.09 -21.00
C PHE A 131 -3.44 3.37 -21.74
N VAL A 132 -3.77 2.31 -22.46
CA VAL A 132 -2.77 1.59 -23.26
C VAL A 132 -2.20 2.48 -24.36
N GLU A 133 -3.05 3.34 -24.93
CA GLU A 133 -2.61 4.23 -25.99
C GLU A 133 -1.61 5.21 -25.40
N LYS A 134 -1.99 5.75 -24.23
CA LYS A 134 -1.17 6.73 -23.54
C LYS A 134 0.21 6.17 -23.20
N LEU A 135 0.28 4.92 -22.77
CA LEU A 135 1.57 4.29 -22.53
C LEU A 135 2.36 4.13 -23.82
N GLN A 136 1.66 3.67 -24.86
CA GLN A 136 2.25 3.49 -26.17
C GLN A 136 2.85 4.81 -26.63
N ASP A 137 2.06 5.88 -26.55
CA ASP A 137 2.50 7.21 -26.95
C ASP A 137 3.78 7.60 -26.21
N ILE A 138 3.69 7.64 -24.88
CA ILE A 138 4.80 8.06 -24.03
C ILE A 138 6.12 7.35 -24.35
N GLN A 139 6.07 6.03 -24.51
CA GLN A 139 7.26 5.29 -24.92
C GLN A 139 7.74 5.76 -26.29
N GLN A 140 6.82 5.79 -27.26
CA GLN A 140 7.18 6.17 -28.63
C GLN A 140 7.87 7.52 -28.64
N ARG A 141 7.31 8.49 -27.92
CA ARG A 141 7.84 9.84 -27.97
C ARG A 141 8.96 10.08 -26.95
N GLY A 142 9.51 8.99 -26.41
CA GLY A 142 10.59 9.08 -25.44
C GLY A 142 10.31 10.04 -24.28
N GLY A 143 9.03 10.24 -23.96
CA GLY A 143 8.63 11.16 -22.91
C GLY A 143 9.10 10.74 -21.53
N GLU A 144 8.74 11.54 -20.53
CA GLU A 144 9.14 11.30 -19.14
C GLU A 144 7.96 11.23 -18.19
N GLU A 145 6.79 11.65 -18.68
CA GLU A 145 5.56 11.54 -17.89
C GLU A 145 5.41 10.11 -17.42
N ARG A 146 4.72 9.95 -16.29
CA ARG A 146 4.49 8.63 -15.73
C ARG A 146 3.05 8.43 -15.38
N LEU A 147 2.57 7.22 -15.63
CA LEU A 147 1.18 6.87 -15.38
C LEU A 147 1.14 5.72 -14.43
N TYR A 148 0.03 5.60 -13.72
CA TYR A 148 -0.18 4.49 -12.81
C TYR A 148 -1.69 4.22 -12.72
N LEU A 149 -2.13 3.11 -13.27
CA LEU A 149 -3.53 2.75 -13.21
C LEU A 149 -3.84 2.08 -11.89
N GLN A 150 -4.84 2.56 -11.19
CA GLN A 150 -5.24 1.94 -9.94
C GLN A 150 -6.75 1.98 -9.83
N GLN A 151 -7.38 0.85 -10.10
CA GLN A 151 -8.83 0.78 -10.26
C GLN A 151 -9.40 -0.46 -9.60
N THR A 152 -10.42 -0.24 -8.77
CA THR A 152 -11.16 -1.36 -8.17
C THR A 152 -11.84 -2.19 -9.24
N LEU A 153 -11.66 -3.51 -9.16
CA LEU A 153 -12.40 -4.44 -9.99
C LEU A 153 -13.90 -4.39 -9.69
N ASN A 154 -14.72 -4.27 -10.73
CA ASN A 154 -16.18 -4.19 -10.60
C ASN A 154 -16.93 -4.92 -11.73
N ASP A 155 -18.27 -4.89 -11.64
CA ASP A 155 -19.19 -5.62 -12.54
C ASP A 155 -18.93 -5.43 -14.02
N THR A 156 -18.47 -4.25 -14.38
CA THR A 156 -18.33 -3.92 -15.79
C THR A 156 -17.26 -4.72 -16.53
N VAL A 157 -16.59 -5.66 -15.88
CA VAL A 157 -15.49 -6.37 -16.54
C VAL A 157 -16.04 -7.46 -17.44
N GLY A 158 -15.30 -7.77 -18.49
CA GLY A 158 -15.72 -8.75 -19.47
C GLY A 158 -15.79 -10.16 -18.91
N ARG A 159 -16.43 -11.04 -19.69
CA ARG A 159 -16.71 -12.40 -19.25
C ARG A 159 -15.41 -13.15 -18.95
N LYS A 160 -14.40 -12.93 -19.78
CA LYS A 160 -13.19 -13.70 -19.56
C LYS A 160 -12.56 -13.30 -18.21
N ILE A 161 -12.67 -12.02 -17.84
CA ILE A 161 -12.11 -11.55 -16.60
C ILE A 161 -12.90 -12.07 -15.40
N VAL A 162 -14.22 -12.17 -15.54
CA VAL A 162 -15.05 -12.72 -14.47
C VAL A 162 -14.61 -14.16 -14.21
N MET A 163 -14.34 -14.90 -15.28
CA MET A 163 -13.90 -16.28 -15.14
C MET A 163 -12.54 -16.39 -14.47
N ASP A 164 -11.61 -15.51 -14.82
CA ASP A 164 -10.31 -15.50 -14.19
C ASP A 164 -10.45 -15.20 -12.68
N PHE A 165 -11.23 -14.16 -12.38
CA PHE A 165 -11.48 -13.72 -11.02
C PHE A 165 -12.08 -14.85 -10.21
N LEU A 166 -13.03 -15.57 -10.79
CA LEU A 166 -13.68 -16.68 -10.09
C LEU A 166 -12.71 -17.81 -9.85
N GLY A 167 -11.69 -17.88 -10.70
CA GLY A 167 -10.65 -18.88 -10.58
C GLY A 167 -9.63 -18.60 -9.50
N PHE A 168 -9.70 -17.43 -8.85
CA PHE A 168 -8.75 -17.13 -7.79
C PHE A 168 -8.92 -18.19 -6.69
N ASN A 169 -7.91 -18.35 -5.82
CA ASN A 169 -7.96 -19.41 -4.80
C ASN A 169 -8.75 -18.99 -3.55
N TRP A 170 -10.07 -18.89 -3.72
CA TRP A 170 -10.94 -18.43 -2.67
C TRP A 170 -10.96 -19.40 -1.48
N ASN A 171 -10.83 -20.69 -1.75
CA ASN A 171 -10.77 -21.65 -0.68
C ASN A 171 -9.67 -21.30 0.31
N TRP A 172 -8.55 -20.79 -0.20
CA TRP A 172 -7.39 -20.51 0.65
C TRP A 172 -7.58 -19.20 1.40
N ILE A 173 -7.95 -18.17 0.65
CA ILE A 173 -7.96 -16.86 1.26
C ILE A 173 -9.17 -16.76 2.20
N ASN A 174 -10.28 -17.41 1.88
CA ASN A 174 -11.44 -17.39 2.79
C ASN A 174 -11.11 -18.07 4.11
N LYS A 175 -10.36 -19.17 4.08
CA LYS A 175 -9.88 -19.76 5.31
C LYS A 175 -9.00 -18.79 6.10
N GLN A 176 -8.20 -17.97 5.42
CA GLN A 176 -7.34 -17.02 6.12
C GLN A 176 -8.21 -15.98 6.80
N GLN A 177 -9.22 -15.49 6.09
CA GLN A 177 -10.17 -14.55 6.67
C GLN A 177 -10.93 -15.14 7.86
N GLY A 178 -11.14 -16.45 7.85
CA GLY A 178 -11.81 -17.10 8.95
C GLY A 178 -10.88 -17.24 10.13
N LYS A 179 -9.70 -17.80 9.90
CA LYS A 179 -8.81 -18.05 11.02
C LYS A 179 -8.40 -16.76 11.76
N ARG A 180 -8.33 -15.63 11.06
CA ARG A 180 -7.88 -14.36 11.67
C ARG A 180 -9.05 -13.53 12.17
N GLY A 181 -10.27 -14.03 12.05
CA GLY A 181 -11.42 -13.28 12.51
C GLY A 181 -11.59 -11.92 11.84
N TRP A 182 -10.94 -11.73 10.68
CA TRP A 182 -11.13 -10.53 9.88
C TRP A 182 -12.57 -10.28 9.45
N GLY A 183 -12.82 -9.02 9.08
CA GLY A 183 -14.08 -8.63 8.51
C GLY A 183 -14.15 -9.00 7.04
N GLN A 184 -15.04 -8.34 6.31
CA GLN A 184 -15.33 -8.67 4.93
C GLN A 184 -14.23 -8.21 4.00
N LEU A 185 -14.09 -8.90 2.87
CA LEU A 185 -13.37 -8.37 1.73
C LEU A 185 -14.03 -7.07 1.33
N THR A 186 -13.29 -5.98 1.20
CA THR A 186 -13.89 -4.69 0.83
C THR A 186 -13.63 -4.39 -0.66
N SER A 187 -12.54 -4.88 -1.22
CA SER A 187 -12.24 -4.62 -2.62
C SER A 187 -11.00 -5.34 -3.11
N ASN A 188 -10.79 -5.31 -4.42
CA ASN A 188 -9.57 -5.75 -5.03
C ASN A 188 -9.07 -4.61 -5.88
N LEU A 189 -7.93 -4.04 -5.53
CA LEU A 189 -7.38 -2.99 -6.35
C LEU A 189 -6.49 -3.58 -7.45
N LEU A 190 -6.81 -3.23 -8.70
CA LEU A 190 -5.95 -3.58 -9.81
C LEU A 190 -4.94 -2.44 -10.06
N LEU A 191 -3.66 -2.80 -10.03
CA LEU A 191 -2.59 -1.81 -10.17
C LEU A 191 -1.73 -2.13 -11.35
N ILE A 192 -1.67 -1.23 -12.33
CA ILE A 192 -0.78 -1.38 -13.47
C ILE A 192 0.12 -0.16 -13.51
N GLY A 193 1.43 -0.38 -13.47
CA GLY A 193 2.36 0.72 -13.26
C GLY A 193 3.55 0.67 -14.18
N MET A 194 4.09 1.83 -14.52
CA MET A 194 5.29 1.91 -15.33
C MET A 194 6.54 1.59 -14.52
N GLU A 195 7.52 0.93 -15.16
CA GLU A 195 8.80 0.68 -14.52
C GLU A 195 9.34 1.95 -13.89
N GLY A 196 9.90 1.81 -12.69
CA GLY A 196 10.47 2.93 -11.96
C GLY A 196 9.47 3.65 -11.09
N ASN A 197 8.18 3.41 -11.29
CA ASN A 197 7.12 4.02 -10.48
C ASN A 197 7.32 3.72 -9.00
N VAL A 198 7.03 4.69 -8.15
CA VAL A 198 7.15 4.54 -6.70
C VAL A 198 5.87 5.01 -5.99
N THR A 199 5.27 4.15 -5.18
CA THR A 199 4.23 4.58 -4.23
C THR A 199 4.89 4.88 -2.89
N PRO A 200 4.91 6.16 -2.45
CA PRO A 200 5.74 6.45 -1.27
C PRO A 200 5.19 5.86 0.03
N ALA A 201 6.02 5.83 1.06
CA ALA A 201 5.64 5.13 2.28
C ALA A 201 4.35 5.70 2.90
N HIS A 202 3.44 4.78 3.20
CA HIS A 202 2.16 5.07 3.86
C HIS A 202 1.74 3.81 4.60
N TYR A 203 0.69 3.89 5.41
CA TYR A 203 0.06 2.66 5.93
C TYR A 203 -1.45 2.63 5.61
N ASP A 204 -2.05 1.45 5.63
CA ASP A 204 -3.50 1.28 5.36
C ASP A 204 -4.22 0.74 6.58
N GLU A 205 -5.49 1.10 6.75
CA GLU A 205 -6.24 0.61 7.90
C GLU A 205 -6.97 -0.70 7.61
N GLN A 206 -6.45 -1.53 6.71
CA GLN A 206 -7.03 -2.85 6.46
C GLN A 206 -5.94 -3.88 6.28
N GLN A 207 -6.28 -5.14 6.53
CA GLN A 207 -5.36 -6.23 6.23
C GLN A 207 -5.23 -6.34 4.71
N ASN A 208 -4.01 -6.60 4.21
CA ASN A 208 -3.78 -6.68 2.77
C ASN A 208 -3.00 -7.94 2.33
N PHE A 209 -3.63 -8.77 1.48
CA PHE A 209 -2.91 -9.79 0.73
C PHE A 209 -2.63 -9.21 -0.66
N PHE A 210 -1.35 -8.94 -0.89
CA PHE A 210 -0.83 -8.26 -2.07
C PHE A 210 -0.35 -9.28 -3.15
N ALA A 211 -1.14 -9.53 -4.18
CA ALA A 211 -0.83 -10.61 -5.15
C ALA A 211 -0.20 -10.12 -6.45
N GLN A 212 1.09 -10.43 -6.59
CA GLN A 212 1.86 -9.96 -7.75
C GLN A 212 1.59 -10.86 -8.99
N ILE A 213 1.49 -10.21 -10.15
CA ILE A 213 1.04 -10.86 -11.41
C ILE A 213 2.03 -10.72 -12.55
N LYS A 214 2.33 -9.49 -12.96
CA LYS A 214 3.36 -9.23 -13.95
C LYS A 214 4.48 -8.30 -13.44
N GLY A 215 5.73 -8.71 -13.64
CA GLY A 215 6.85 -7.88 -13.28
C GLY A 215 7.22 -7.93 -11.80
N TYR A 216 8.12 -7.04 -11.40
CA TYR A 216 8.69 -7.12 -10.06
C TYR A 216 8.56 -5.82 -9.27
N LYS A 217 8.13 -5.99 -8.03
CA LYS A 217 7.91 -4.87 -7.13
C LYS A 217 8.75 -5.03 -5.87
N ARG A 218 9.55 -4.00 -5.60
CA ARG A 218 10.28 -3.95 -4.36
C ARG A 218 9.40 -3.33 -3.29
N CYS A 219 9.22 -4.07 -2.20
CA CYS A 219 8.37 -3.64 -1.12
C CYS A 219 9.21 -3.46 0.13
N ILE A 220 9.21 -2.25 0.70
CA ILE A 220 9.91 -2.01 1.97
C ILE A 220 8.86 -1.73 3.04
N LEU A 221 8.85 -2.54 4.09
CA LEU A 221 7.86 -2.40 5.16
C LEU A 221 8.48 -1.91 6.45
N PHE A 222 7.70 -1.16 7.22
CA PHE A 222 8.13 -0.76 8.57
C PHE A 222 7.00 -1.04 9.57
N PRO A 223 7.34 -1.53 10.77
CA PRO A 223 6.29 -1.84 11.75
C PRO A 223 5.58 -0.59 12.33
N PRO A 224 4.40 -0.78 12.91
CA PRO A 224 3.63 0.34 13.48
C PRO A 224 4.43 1.11 14.55
N ASP A 225 5.32 0.41 15.24
CA ASP A 225 6.04 1.03 16.35
C ASP A 225 7.15 1.93 15.84
N GLN A 226 7.17 2.21 14.54
CA GLN A 226 8.12 3.15 13.97
C GLN A 226 7.40 4.42 13.49
N PHE A 227 6.13 4.56 13.88
CA PHE A 227 5.40 5.83 13.80
C PHE A 227 6.31 7.05 14.06
N GLU A 228 7.02 7.02 15.20
CA GLU A 228 7.94 8.06 15.65
C GLU A 228 9.01 8.44 14.61
N CYS A 229 9.37 7.51 13.72
CA CYS A 229 10.47 7.72 12.78
C CYS A 229 10.00 8.13 11.39
N LEU A 230 8.70 7.96 11.14
CA LEU A 230 8.20 8.12 9.78
C LEU A 230 7.30 9.34 9.60
N TYR A 231 6.93 10.00 10.71
CA TYR A 231 6.33 11.34 10.66
C TYR A 231 5.15 11.49 9.65
N PRO A 232 4.05 10.75 9.88
CA PRO A 232 2.85 10.88 9.05
C PRO A 232 2.29 12.29 8.96
N TYR A 233 1.68 12.70 7.86
CA TYR A 233 0.95 13.95 7.80
C TYR A 233 -0.14 14.00 8.89
N PRO A 234 -0.67 15.19 9.16
CA PRO A 234 -1.86 15.31 10.02
C PRO A 234 -3.07 14.53 9.49
N VAL A 235 -3.94 14.06 10.37
CA VAL A 235 -5.09 13.27 9.94
C VAL A 235 -5.98 14.03 8.94
N HIS A 236 -6.10 15.34 9.12
CA HIS A 236 -6.95 16.14 8.27
C HIS A 236 -6.27 16.64 7.00
N HIS A 237 -4.96 16.41 6.88
CA HIS A 237 -4.24 16.73 5.64
C HIS A 237 -4.60 15.73 4.56
N PRO A 238 -4.62 16.16 3.28
CA PRO A 238 -4.98 15.26 2.19
C PRO A 238 -4.06 14.05 2.04
N CYS A 239 -2.88 14.13 2.61
CA CYS A 239 -1.91 13.06 2.49
C CYS A 239 -1.85 12.26 3.77
N ASP A 240 -2.88 12.44 4.60
CA ASP A 240 -3.19 11.54 5.71
C ASP A 240 -2.74 10.10 5.46
N ARG A 241 -1.90 9.60 6.35
CA ARG A 241 -1.36 8.22 6.40
C ARG A 241 -0.06 8.05 5.60
N GLN A 242 0.35 9.06 4.83
CA GLN A 242 1.64 8.99 4.16
C GLN A 242 2.74 9.60 5.03
N SER A 243 3.96 9.05 4.95
CA SER A 243 5.13 9.69 5.58
C SER A 243 5.42 11.04 4.95
N GLN A 244 5.83 12.01 5.76
CA GLN A 244 6.27 13.29 5.22
C GLN A 244 7.73 13.27 4.75
N VAL A 245 8.46 12.20 5.09
CA VAL A 245 9.87 12.13 4.79
C VAL A 245 10.06 11.76 3.33
N ASP A 246 10.80 12.59 2.59
CA ASP A 246 11.21 12.28 1.22
C ASP A 246 12.37 11.30 1.28
N PHE A 247 12.11 10.04 0.92
CA PHE A 247 13.15 9.01 1.04
C PHE A 247 14.36 9.30 0.16
N ASP A 248 14.16 9.98 -0.96
CA ASP A 248 15.26 10.37 -1.85
C ASP A 248 16.13 11.50 -1.31
N ASN A 249 15.63 12.25 -0.33
CA ASN A 249 16.40 13.33 0.28
C ASN A 249 15.83 13.69 1.64
N PRO A 250 16.08 12.83 2.66
CA PRO A 250 15.51 13.02 4.00
C PRO A 250 16.01 14.27 4.70
N ASP A 251 15.09 15.13 5.10
CA ASP A 251 15.43 16.29 5.92
C ASP A 251 15.57 15.91 7.41
N TYR A 252 16.78 15.60 7.83
CA TYR A 252 17.02 15.14 9.19
C TYR A 252 16.86 16.22 10.25
N GLU A 253 16.76 17.47 9.81
CA GLU A 253 16.54 18.54 10.77
C GLU A 253 15.07 18.54 11.19
N ARG A 254 14.16 18.34 10.23
CA ARG A 254 12.74 18.25 10.55
C ARG A 254 12.37 16.89 11.10
N PHE A 255 13.03 15.84 10.58
CA PHE A 255 12.64 14.48 10.91
C PHE A 255 13.78 13.66 11.47
N PRO A 256 14.34 14.09 12.62
CA PRO A 256 15.58 13.48 13.16
C PRO A 256 15.49 11.98 13.36
N ASN A 257 14.35 11.45 13.80
CA ASN A 257 14.26 10.01 14.06
C ASN A 257 14.15 9.16 12.78
N PHE A 258 14.06 9.80 11.61
CA PHE A 258 14.21 9.04 10.40
C PHE A 258 15.58 8.35 10.35
N GLN A 259 16.53 8.81 11.15
CA GLN A 259 17.86 8.21 11.19
C GLN A 259 17.88 6.85 11.90
N ASN A 260 16.77 6.51 12.57
CA ASN A 260 16.69 5.26 13.31
C ASN A 260 15.74 4.25 12.67
N VAL A 261 15.39 4.48 11.42
CA VAL A 261 14.39 3.66 10.75
C VAL A 261 15.02 2.37 10.21
N VAL A 262 14.31 1.26 10.34
CA VAL A 262 14.80 -0.01 9.80
C VAL A 262 13.68 -0.73 9.06
N GLY A 263 13.91 -1.03 7.79
CA GLY A 263 12.90 -1.67 6.98
C GLY A 263 12.98 -3.19 6.93
N TYR A 264 11.85 -3.79 6.59
CA TYR A 264 11.76 -5.19 6.18
C TYR A 264 11.54 -5.16 4.69
N GLU A 265 12.40 -5.80 3.88
CA GLU A 265 12.22 -5.69 2.43
C GLU A 265 12.17 -7.00 1.66
N THR A 266 11.66 -6.90 0.43
CA THR A 266 11.53 -8.06 -0.43
C THR A 266 11.23 -7.61 -1.87
N VAL A 267 11.40 -8.53 -2.80
CA VAL A 267 10.98 -8.34 -4.17
C VAL A 267 9.97 -9.44 -4.51
N VAL A 268 8.76 -9.05 -4.88
CA VAL A 268 7.74 -10.00 -5.27
C VAL A 268 7.67 -10.05 -6.78
N GLY A 269 7.52 -11.26 -7.29
CA GLY A 269 7.31 -11.50 -8.70
C GLY A 269 6.01 -12.24 -8.97
N PRO A 270 5.77 -12.59 -10.24
CA PRO A 270 4.55 -13.31 -10.61
C PRO A 270 4.33 -14.54 -9.73
N GLY A 271 3.17 -14.62 -9.08
CA GLY A 271 2.81 -15.77 -8.29
C GLY A 271 3.03 -15.55 -6.82
N ASP A 272 3.83 -14.52 -6.49
CA ASP A 272 4.12 -14.20 -5.10
C ASP A 272 2.95 -13.45 -4.43
N VAL A 273 2.66 -13.80 -3.19
CA VAL A 273 1.70 -13.05 -2.39
C VAL A 273 2.39 -12.50 -1.12
N LEU A 274 2.33 -11.18 -0.93
CA LEU A 274 2.89 -10.51 0.27
C LEU A 274 1.77 -10.17 1.25
N TYR A 275 1.83 -10.71 2.45
CA TYR A 275 0.94 -10.26 3.51
C TYR A 275 1.45 -8.94 4.07
N ILE A 276 0.74 -7.85 3.78
CA ILE A 276 0.96 -6.54 4.40
C ILE A 276 -0.02 -6.34 5.58
N PRO A 277 0.46 -6.60 6.81
CA PRO A 277 -0.45 -6.49 7.96
C PRO A 277 -0.93 -5.05 8.14
N MET A 278 -2.17 -4.91 8.62
CA MET A 278 -2.79 -3.63 8.93
C MET A 278 -1.88 -2.77 9.80
N TYR A 279 -1.75 -1.51 9.37
CA TYR A 279 -1.02 -0.42 10.05
C TYR A 279 0.48 -0.46 9.73
N TRP A 280 1.00 -1.57 9.21
CA TRP A 280 2.38 -1.57 8.73
C TRP A 280 2.58 -0.62 7.56
N TRP A 281 3.55 0.27 7.74
CA TRP A 281 4.00 1.16 6.67
C TRP A 281 4.54 0.37 5.49
N HIS A 282 4.32 0.83 4.27
CA HIS A 282 4.95 0.18 3.14
C HIS A 282 5.29 1.16 2.04
N HIS A 283 6.48 0.97 1.51
CA HIS A 283 7.02 1.75 0.41
C HIS A 283 7.18 0.77 -0.74
N ILE A 284 6.65 1.11 -1.92
CA ILE A 284 6.55 0.14 -3.01
C ILE A 284 7.05 0.72 -4.35
N GLU A 285 7.93 -0.02 -5.00
CA GLU A 285 8.50 0.46 -6.25
C GLU A 285 8.57 -0.64 -7.31
N SER A 286 8.24 -0.24 -8.54
CA SER A 286 8.41 -1.11 -9.68
C SER A 286 9.86 -1.00 -10.15
N LEU A 287 10.57 -2.13 -10.19
CA LEU A 287 11.99 -2.12 -10.55
C LEU A 287 12.31 -1.29 -11.80
N LEU A 288 13.39 -0.52 -11.68
CA LEU A 288 13.90 0.22 -12.81
C LEU A 288 14.18 -0.73 -13.98
N ASN A 289 13.78 -0.30 -15.18
CA ASN A 289 14.00 -1.07 -16.40
C ASN A 289 13.48 -2.51 -16.31
N GLY A 290 12.33 -2.69 -15.65
CA GLY A 290 11.73 -4.00 -15.46
C GLY A 290 10.42 -4.21 -16.21
N GLY A 291 9.97 -3.21 -16.95
CA GLY A 291 8.77 -3.32 -17.75
C GLY A 291 7.60 -2.90 -16.89
N ILE A 292 6.38 -3.02 -17.40
CA ILE A 292 5.22 -2.66 -16.61
C ILE A 292 5.07 -3.68 -15.49
N THR A 293 4.33 -3.29 -14.44
CA THR A 293 3.99 -4.22 -13.37
C THR A 293 2.48 -4.33 -13.21
N ILE A 294 2.00 -5.52 -12.83
CA ILE A 294 0.59 -5.73 -12.53
C ILE A 294 0.46 -6.44 -11.18
N THR A 295 -0.34 -5.85 -10.31
CA THR A 295 -0.69 -6.43 -9.02
C THR A 295 -2.19 -6.40 -8.84
N VAL A 296 -2.73 -7.37 -8.11
CA VAL A 296 -4.08 -7.26 -7.59
C VAL A 296 -3.99 -7.45 -6.06
N ASN A 297 -4.59 -6.54 -5.27
CA ASN A 297 -4.56 -6.71 -3.81
C ASN A 297 -5.95 -7.11 -3.31
N PHE A 298 -5.99 -7.61 -2.07
CA PHE A 298 -7.19 -8.08 -1.41
C PHE A 298 -7.31 -7.39 -0.04
N TRP A 299 -8.25 -6.47 0.12
CA TRP A 299 -8.36 -5.68 1.36
C TRP A 299 -9.48 -6.18 2.27
N TYR A 300 -9.10 -6.57 3.49
CA TYR A 300 -10.05 -7.07 4.47
C TYR A 300 -10.11 -6.14 5.66
N LYS A 301 -11.31 -5.83 6.15
CA LYS A 301 -11.44 -5.09 7.41
C LYS A 301 -10.84 -5.94 8.52
N GLY A 302 -10.15 -5.28 9.45
CA GLY A 302 -9.46 -6.00 10.51
C GLY A 302 -10.46 -6.61 11.48
N ALA A 303 -10.03 -7.62 12.24
CA ALA A 303 -10.82 -8.16 13.34
C ALA A 303 -11.41 -7.06 14.24
N PRO A 304 -12.50 -7.36 14.96
CA PRO A 304 -13.07 -6.32 15.84
C PRO A 304 -12.22 -6.03 17.06
N THR A 305 -12.37 -4.86 17.68
CA THR A 305 -11.69 -4.59 18.95
C THR A 305 -12.13 -5.60 20.02
N PRO A 306 -11.16 -6.24 20.70
CA PRO A 306 -11.51 -7.33 21.62
C PRO A 306 -12.31 -6.86 22.82
N LYS A 307 -13.22 -7.70 23.33
CA LYS A 307 -14.08 -7.36 24.46
C LYS A 307 -13.26 -6.89 25.64
N ARG A 308 -12.20 -7.63 25.94
CA ARG A 308 -11.26 -7.24 26.99
C ARG A 308 -9.94 -6.74 26.38
N ILE A 309 -9.62 -5.48 26.66
CA ILE A 309 -8.35 -4.87 26.30
C ILE A 309 -7.24 -5.39 27.20
N GLU A 310 -6.05 -5.62 26.65
CA GLU A 310 -4.96 -6.13 27.47
C GLU A 310 -3.72 -5.23 27.39
N TYR A 311 -3.29 -4.75 28.54
CA TYR A 311 -2.16 -3.84 28.60
C TYR A 311 -0.87 -4.59 28.80
N PRO A 312 0.23 -4.09 28.21
CA PRO A 312 0.37 -2.80 27.54
C PRO A 312 -0.25 -2.86 26.16
N LEU A 313 -0.68 -1.72 25.63
CA LEU A 313 -1.34 -1.72 24.33
C LEU A 313 -0.38 -2.08 23.20
N LYS A 314 -0.89 -2.65 22.11
CA LYS A 314 -0.02 -2.91 20.96
C LYS A 314 0.15 -1.58 20.19
N ALA A 315 1.29 -1.41 19.53
CA ALA A 315 1.58 -0.17 18.81
C ALA A 315 0.47 0.28 17.86
N HIS A 316 -0.16 -0.64 17.14
CA HIS A 316 -1.19 -0.22 16.19
C HIS A 316 -2.38 0.33 16.97
N GLN A 317 -2.58 -0.16 18.19
CA GLN A 317 -3.64 0.42 19.00
C GLN A 317 -3.34 1.88 19.44
N LYS A 318 -2.07 2.19 19.72
CA LYS A 318 -1.74 3.57 20.02
C LYS A 318 -1.91 4.44 18.77
N VAL A 319 -1.64 3.88 17.60
CA VAL A 319 -1.85 4.67 16.38
C VAL A 319 -3.37 4.93 16.21
N ALA A 320 -4.19 3.92 16.48
CA ALA A 320 -5.63 4.11 16.55
C ALA A 320 -6.01 5.27 17.48
N ILE A 321 -5.45 5.26 18.68
CA ILE A 321 -5.79 6.31 19.64
C ILE A 321 -5.39 7.69 19.10
N MET A 322 -4.18 7.82 18.56
CA MET A 322 -3.70 9.12 18.14
C MET A 322 -4.61 9.69 17.06
N ARG A 323 -4.91 8.86 16.06
CA ARG A 323 -5.82 9.22 14.99
C ARG A 323 -7.15 9.74 15.56
N ASN A 324 -7.66 9.06 16.59
CA ASN A 324 -8.94 9.46 17.15
C ASN A 324 -8.86 10.80 17.88
N ILE A 325 -7.77 11.02 18.62
CA ILE A 325 -7.57 12.28 19.32
C ILE A 325 -7.60 13.42 18.30
N GLU A 326 -6.82 13.28 17.22
CA GLU A 326 -6.79 14.30 16.17
C GLU A 326 -8.16 14.52 15.52
N LYS A 327 -8.85 13.44 15.18
CA LYS A 327 -10.21 13.54 14.64
C LYS A 327 -11.14 14.30 15.57
N MET A 328 -11.21 13.89 16.84
CA MET A 328 -12.13 14.51 17.79
C MET A 328 -11.85 15.99 18.04
N LEU A 329 -10.58 16.34 18.20
CA LEU A 329 -10.23 17.74 18.40
C LEU A 329 -10.68 18.53 17.18
N GLY A 330 -10.54 17.93 16.01
CA GLY A 330 -11.01 18.54 14.78
C GLY A 330 -12.46 18.95 14.87
N GLU A 331 -13.33 17.99 15.17
CA GLU A 331 -14.75 18.26 15.36
C GLU A 331 -14.94 19.27 16.47
N ALA A 332 -14.35 18.99 17.62
CA ALA A 332 -14.65 19.75 18.82
C ALA A 332 -14.31 21.24 18.66
N LEU A 333 -13.14 21.53 18.12
CA LEU A 333 -12.71 22.91 17.92
C LEU A 333 -13.43 23.60 16.75
N GLY A 334 -14.15 22.81 15.96
CA GLY A 334 -14.88 23.33 14.82
C GLY A 334 -14.00 23.62 13.60
N ASN A 335 -12.74 23.26 13.67
CA ASN A 335 -11.84 23.58 12.59
C ASN A 335 -10.57 22.78 12.70
N PRO A 336 -10.26 21.93 11.70
CA PRO A 336 -9.03 21.13 11.86
C PRO A 336 -7.77 21.97 11.94
N GLN A 337 -7.79 23.20 11.46
CA GLN A 337 -6.57 23.99 11.53
C GLN A 337 -6.25 24.48 12.95
N GLU A 338 -7.16 24.28 13.89
CA GLU A 338 -6.91 24.65 15.28
C GLU A 338 -6.28 23.49 16.07
N VAL A 339 -6.30 22.29 15.49
CA VAL A 339 -5.79 21.11 16.16
C VAL A 339 -4.32 21.27 16.57
N GLY A 340 -3.44 21.59 15.64
CA GLY A 340 -2.04 21.79 15.99
C GLY A 340 -1.78 22.80 17.11
N PRO A 341 -2.34 24.01 16.97
CA PRO A 341 -2.11 24.99 18.07
C PRO A 341 -2.54 24.47 19.45
N LEU A 342 -3.68 23.78 19.52
CA LEU A 342 -4.14 23.26 20.81
C LEU A 342 -3.18 22.21 21.34
N LEU A 343 -2.78 21.26 20.47
CA LEU A 343 -1.87 20.20 20.89
C LEU A 343 -0.56 20.78 21.40
N ASN A 344 0.03 21.72 20.69
CA ASN A 344 1.25 22.39 21.19
C ASN A 344 1.03 23.09 22.55
N THR A 345 -0.10 23.76 22.72
CA THR A 345 -0.37 24.45 23.98
C THR A 345 -0.38 23.43 25.10
N MET A 346 -0.88 22.24 24.79
CA MET A 346 -1.04 21.17 25.76
C MET A 346 0.31 20.65 26.27
N ILE A 347 1.32 20.55 25.40
CA ILE A 347 2.54 19.86 25.80
C ILE A 347 3.67 20.81 26.19
N LYS A 348 3.77 21.98 25.57
CA LYS A 348 4.94 22.87 25.75
C LYS A 348 5.11 23.28 27.21
N GLY A 349 6.25 22.89 27.78
CA GLY A 349 6.54 23.24 29.16
C GLY A 349 5.76 22.41 30.16
N ARG A 350 5.01 21.44 29.65
CA ARG A 350 4.11 20.61 30.43
C ARG A 350 4.43 19.11 30.30
N TYR A 351 4.69 18.66 29.08
CA TYR A 351 4.97 17.23 28.84
C TYR A 351 6.23 16.99 28.04
N ASN A 352 6.88 18.05 27.58
CA ASN A 352 8.17 17.92 26.89
C ASN A 352 9.31 18.50 27.73
N GLU B 3 -16.35 2.50 27.91
CA GLU B 3 -16.67 3.28 26.73
C GLU B 3 -15.41 3.99 26.17
N VAL B 4 -14.97 5.06 26.84
CA VAL B 4 -13.69 5.76 26.59
C VAL B 4 -12.67 4.99 25.76
N VAL B 5 -12.10 3.97 26.37
CA VAL B 5 -11.04 3.19 25.75
C VAL B 5 -11.53 2.56 24.44
N LYS B 6 -12.73 1.98 24.49
CA LYS B 6 -13.31 1.34 23.31
C LYS B 6 -13.56 2.40 22.23
N LEU B 7 -13.89 3.61 22.66
CA LEU B 7 -14.09 4.72 21.73
C LEU B 7 -12.77 5.11 21.07
N LEU B 8 -11.71 5.19 21.89
CA LEU B 8 -10.40 5.66 21.44
C LEU B 8 -9.67 4.56 20.62
N LEU B 9 -10.13 3.32 20.75
CA LEU B 9 -9.48 2.19 20.07
C LEU B 9 -10.08 1.87 18.73
N GLU B 10 -11.27 2.37 18.45
CA GLU B 10 -11.90 2.05 17.18
C GLU B 10 -11.13 2.70 16.04
N HIS B 11 -11.09 1.98 14.91
CA HIS B 11 -10.31 2.37 13.76
C HIS B 11 -11.21 2.52 12.54
N GLY B 12 -10.82 3.41 11.63
CA GLY B 12 -11.50 3.56 10.35
C GLY B 12 -11.08 2.44 9.41
N ALA B 13 -11.46 2.55 8.13
CA ALA B 13 -11.09 1.55 7.14
C ALA B 13 -10.42 2.18 5.91
N ASP B 14 -9.67 3.27 6.12
CA ASP B 14 -9.09 4.03 5.02
C ASP B 14 -7.87 3.34 4.37
N VAL B 15 -7.93 3.24 3.04
CA VAL B 15 -6.94 2.53 2.24
C VAL B 15 -6.55 3.35 1.00
N DYL B 16 -5.26 3.36 0.66
CA DYL B 16 -4.80 3.84 -0.65
C DYL B 16 -5.20 5.29 -0.95
O DYL B 16 -5.40 6.10 -0.05
CB DYL B 16 -3.29 3.63 -0.82
CG DYL B 16 -3.08 2.70 -1.97
CD DYL B 16 -2.47 3.12 -3.06
N ALA B 17 -5.30 5.57 -2.26
CA ALA B 17 -5.80 6.81 -2.85
C ALA B 17 -6.73 7.62 -1.92
ZN ZN C . -1.01 0.67 0.69
C1 OGA D . -1.44 -1.22 -1.09
C2 OGA D . -0.51 -0.25 -1.72
C4 OGA D . 0.73 0.43 -3.76
C5 OGA D . 1.43 -0.17 -4.96
O1 OGA D . -1.83 -2.20 -1.77
O2 OGA D . -1.86 -1.08 0.10
O2' OGA D . -0.11 0.72 -1.10
O3 OGA D . 2.05 0.61 -5.73
N1 OGA D . -0.13 -0.48 -3.07
O4 OGA D . 1.41 -1.41 -5.21
S SO4 E . 6.64 14.38 -21.50
O1 SO4 E . 6.29 13.25 -20.65
O2 SO4 E . 7.00 13.87 -22.83
O3 SO4 E . 7.79 15.08 -20.92
O4 SO4 E . 5.50 15.29 -21.62
S SO4 F . 3.79 -4.20 19.17
O1 SO4 F . 3.12 -3.62 20.33
O2 SO4 F . 4.39 -5.48 19.54
O3 SO4 F . 4.84 -3.26 18.74
O4 SO4 F . 2.81 -4.40 18.10
S SO4 G . 13.11 8.81 -12.46
O1 SO4 G . 12.37 7.54 -12.57
O2 SO4 G . 13.91 8.77 -11.24
O3 SO4 G . 13.98 8.91 -13.62
O4 SO4 G . 12.15 9.92 -12.45
#